data_2XDP
#
_entry.id   2XDP
#
_cell.length_a   52.815
_cell.length_b   79.646
_cell.length_c   81.614
_cell.angle_alpha   90.00
_cell.angle_beta   90.00
_cell.angle_gamma   90.00
#
_symmetry.space_group_name_H-M   'I 2 2 2'
#
loop_
_entity.id
_entity.type
_entity.pdbx_description
1 polymer 'LYSINE-SPECIFIC DEMETHYLASE 4C'
2 non-polymer 'SULFATE ION'
3 water water
#
_entity_poly.entity_id   1
_entity_poly.type   'polypeptide(L)'
_entity_poly.pdbx_seq_one_letter_code
;SMCEKVISVGQTVITKHRNTRYYSCRVMAVTSQTFYEVMFDDGSFSRDTFPEDIVSRDCLKLGPPAEGEVVQVKWPDGKL
YGAKYFGSNIAHMYQVEFEDGSQIAMKREDIYTLDEELPKRVK
;
_entity_poly.pdbx_strand_id   A
#
loop_
_chem_comp.id
_chem_comp.type
_chem_comp.name
_chem_comp.formula
SO4 non-polymer 'SULFATE ION' 'O4 S -2'
#
# COMPACT_ATOMS: atom_id res chain seq x y z
N GLU A 4 -8.29 23.22 6.79
CA GLU A 4 -8.75 24.56 6.46
C GLU A 4 -10.24 24.74 6.73
N LYS A 5 -11.00 23.65 6.58
CA LYS A 5 -12.45 23.68 6.75
C LYS A 5 -12.88 23.71 8.21
N VAL A 6 -13.92 24.49 8.50
CA VAL A 6 -14.34 24.70 9.87
C VAL A 6 -15.26 23.57 10.35
N ILE A 7 -14.96 23.02 11.53
CA ILE A 7 -15.76 21.98 12.14
C ILE A 7 -16.59 22.56 13.27
N SER A 8 -17.90 22.31 13.24
CA SER A 8 -18.83 22.98 14.17
C SER A 8 -19.69 22.01 14.95
N VAL A 9 -20.18 22.47 16.10
CA VAL A 9 -21.14 21.69 16.88
C VAL A 9 -22.33 21.28 16.03
N GLY A 10 -22.77 20.04 16.17
CA GLY A 10 -23.94 19.55 15.46
C GLY A 10 -23.62 18.92 14.10
N GLN A 11 -22.37 19.04 13.66
CA GLN A 11 -22.00 18.48 12.36
C GLN A 11 -21.73 16.98 12.43
N THR A 12 -22.10 16.26 11.38
CA THR A 12 -21.65 14.88 11.23
C THR A 12 -20.31 14.88 10.50
N VAL A 13 -19.34 14.19 11.10
CA VAL A 13 -17.99 14.10 10.55
C VAL A 13 -17.54 12.64 10.60
N ILE A 14 -16.42 12.35 9.98
CA ILE A 14 -15.85 11.01 10.04
C ILE A 14 -14.57 11.10 10.91
N THR A 15 -14.41 10.20 11.87
CA THR A 15 -13.17 10.20 12.66
C THR A 15 -12.31 8.97 12.38
N LYS A 16 -11.01 9.16 12.48
CA LYS A 16 -10.02 8.16 12.14
C LYS A 16 -9.44 7.61 13.43
N HIS A 17 -9.28 6.29 13.49
CA HIS A 17 -8.76 5.63 14.68
C HIS A 17 -7.72 4.62 14.28
N ARG A 18 -6.45 4.93 14.59
CA ARG A 18 -5.35 4.06 14.20
C ARG A 18 -5.24 2.90 15.18
N ASN A 19 -4.83 1.77 14.65
CA ASN A 19 -4.52 0.57 15.44
C ASN A 19 -3.38 -0.22 14.81
N THR A 20 -2.26 0.46 14.59
CA THR A 20 -1.12 -0.14 13.94
C THR A 20 -0.42 -1.10 14.90
N ARG A 21 -0.07 -2.28 14.41
CA ARG A 21 0.62 -3.30 15.21
C ARG A 21 1.97 -3.62 14.59
N TYR A 22 2.93 -3.99 15.44
CA TYR A 22 4.27 -4.33 14.98
C TYR A 22 4.64 -5.72 15.49
N TYR A 23 5.33 -6.51 14.66
CA TYR A 23 5.72 -7.83 15.06
C TYR A 23 7.13 -8.15 14.59
N SER A 24 7.85 -8.87 15.42
CA SER A 24 9.16 -9.38 15.05
CA SER A 24 9.15 -9.38 15.04
C SER A 24 8.96 -10.56 14.10
N CYS A 25 9.80 -10.64 13.06
CA CYS A 25 9.66 -11.69 12.05
CA CYS A 25 9.66 -11.75 12.14
C CYS A 25 10.99 -12.01 11.44
N ARG A 26 11.05 -13.15 10.76
CA ARG A 26 12.26 -13.59 10.10
C ARG A 26 12.09 -13.55 8.59
N VAL A 27 13.08 -13.02 7.87
CA VAL A 27 13.00 -12.97 6.40
C VAL A 27 13.32 -14.35 5.82
N MET A 28 12.34 -14.93 5.14
CA MET A 28 12.48 -16.29 4.59
C MET A 28 12.90 -16.31 3.13
N ALA A 29 12.56 -15.24 2.40
CA ALA A 29 12.82 -15.13 0.97
C ALA A 29 12.70 -13.70 0.52
N VAL A 30 13.45 -13.34 -0.50
CA VAL A 30 13.31 -12.05 -1.19
C VAL A 30 13.01 -12.34 -2.65
N THR A 31 11.87 -11.84 -3.15
CA THR A 31 11.52 -12.11 -4.54
C THR A 31 11.29 -10.83 -5.34
N SER A 32 11.28 -10.96 -6.66
CA SER A 32 11.00 -9.82 -7.53
C SER A 32 9.50 -9.68 -7.67
N GLN A 33 9.04 -8.43 -7.80
CA GLN A 33 7.61 -8.11 -7.93
C GLN A 33 7.45 -6.88 -8.79
N THR A 34 6.50 -6.94 -9.72
CA THR A 34 6.14 -5.78 -10.53
C THR A 34 5.19 -4.90 -9.74
N PHE A 35 5.53 -3.61 -9.66
CA PHE A 35 4.69 -2.63 -8.99
C PHE A 35 4.25 -1.57 -9.98
N TYR A 36 3.07 -1.01 -9.77
CA TYR A 36 2.63 0.11 -10.59
C TYR A 36 2.89 1.45 -9.92
N GLU A 37 3.10 2.46 -10.75
CA GLU A 37 3.30 3.82 -10.29
C GLU A 37 2.04 4.60 -10.67
N VAL A 38 1.36 5.14 -9.67
CA VAL A 38 0.13 5.90 -9.93
C VAL A 38 0.12 7.23 -9.19
N MET A 39 -0.42 8.23 -9.87
CA MET A 39 -0.68 9.54 -9.29
CA MET A 39 -0.68 9.50 -9.22
C MET A 39 -2.14 9.62 -8.86
N PHE A 40 -2.39 9.71 -7.56
CA PHE A 40 -3.76 9.82 -7.06
C PHE A 40 -4.31 11.20 -7.35
N ASP A 41 -5.62 11.30 -7.48
CA ASP A 41 -6.26 12.57 -7.80
C ASP A 41 -5.85 13.67 -6.82
N ASP A 42 -5.40 13.29 -5.63
CA ASP A 42 -5.00 14.26 -4.61
C ASP A 42 -3.58 14.79 -4.81
N GLY A 43 -2.88 14.25 -5.81
CA GLY A 43 -1.52 14.69 -6.13
C GLY A 43 -0.44 13.87 -5.49
N SER A 44 -0.80 12.98 -4.58
CA SER A 44 0.15 12.04 -3.99
C SER A 44 0.56 10.96 -5.00
N PHE A 45 1.81 10.52 -4.95
CA PHE A 45 2.35 9.58 -5.94
C PHE A 45 2.86 8.29 -5.30
N SER A 46 2.34 7.15 -5.76
CA SER A 46 2.71 5.87 -5.20
C SER A 46 3.56 5.10 -6.21
N ARG A 47 4.65 4.49 -5.75
CA ARG A 47 5.47 3.66 -6.63
C ARG A 47 5.40 2.19 -6.25
N ASP A 48 4.55 1.83 -5.30
CA ASP A 48 4.48 0.45 -4.84
C ASP A 48 3.04 -0.07 -4.81
N THR A 49 2.26 0.32 -5.80
CA THR A 49 0.91 -0.19 -5.96
C THR A 49 0.95 -1.59 -6.60
N PHE A 50 0.26 -2.56 -6.00
CA PHE A 50 0.16 -3.87 -6.63
C PHE A 50 -0.71 -3.86 -7.88
N PRO A 51 -0.28 -4.55 -8.94
CA PRO A 51 -1.15 -4.62 -10.13
C PRO A 51 -2.59 -5.08 -9.81
N GLU A 52 -2.73 -6.02 -8.87
CA GLU A 52 -4.10 -6.51 -8.55
C GLU A 52 -4.96 -5.50 -7.81
N ASP A 53 -4.35 -4.43 -7.33
CA ASP A 53 -5.13 -3.39 -6.66
C ASP A 53 -5.73 -2.35 -7.59
N ILE A 54 -5.45 -2.45 -8.89
CA ILE A 54 -6.23 -1.67 -9.88
C ILE A 54 -7.53 -2.43 -10.12
N VAL A 55 -8.66 -1.81 -9.80
CA VAL A 55 -9.92 -2.57 -9.90
C VAL A 55 -10.77 -2.18 -11.12
N SER A 56 -10.40 -1.09 -11.79
CA SER A 56 -11.08 -0.67 -13.03
C SER A 56 -10.63 -1.43 -14.28
N ARG A 57 -9.54 -2.19 -14.16
CA ARG A 57 -9.01 -2.99 -15.26
C ARG A 57 -8.40 -4.18 -14.58
N ASP A 58 -8.67 -5.38 -15.08
CA ASP A 58 -8.08 -6.58 -14.51
C ASP A 58 -6.69 -6.74 -15.13
N CYS A 59 -5.69 -6.19 -14.45
CA CYS A 59 -4.36 -6.06 -15.05
C CYS A 59 -3.60 -7.38 -15.07
N LEU A 60 -3.90 -8.28 -14.14
CA LEU A 60 -3.26 -9.61 -14.24
C LEU A 60 -3.72 -10.39 -15.48
N LYS A 61 -4.95 -10.15 -15.93
CA LYS A 61 -5.47 -10.85 -17.09
C LYS A 61 -5.19 -10.11 -18.39
N LEU A 62 -5.28 -8.78 -18.36
CA LEU A 62 -5.23 -7.96 -19.60
C LEU A 62 -3.98 -7.11 -19.77
N GLY A 63 -3.06 -7.20 -18.82
CA GLY A 63 -1.86 -6.37 -18.83
C GLY A 63 -2.13 -4.99 -18.26
N PRO A 64 -1.08 -4.15 -18.14
CA PRO A 64 -1.23 -2.84 -17.51
C PRO A 64 -2.13 -1.90 -18.28
N PRO A 65 -2.63 -0.87 -17.59
CA PRO A 65 -3.38 0.21 -18.24
C PRO A 65 -2.43 0.95 -19.17
N ALA A 66 -2.98 1.80 -20.03
CA ALA A 66 -2.13 2.67 -20.83
C ALA A 66 -1.55 3.75 -19.94
N GLU A 67 -0.38 4.28 -20.29
CA GLU A 67 0.19 5.34 -19.48
C GLU A 67 -0.68 6.58 -19.59
N GLY A 68 -0.97 7.18 -18.44
CA GLY A 68 -1.87 8.32 -18.39
C GLY A 68 -3.32 7.94 -18.17
N GLU A 69 -3.61 6.64 -18.20
CA GLU A 69 -5.00 6.19 -18.11
C GLU A 69 -5.58 6.35 -16.71
N VAL A 70 -6.84 6.79 -16.64
CA VAL A 70 -7.57 6.89 -15.39
C VAL A 70 -7.87 5.51 -14.84
N VAL A 71 -7.51 5.27 -13.58
CA VAL A 71 -7.78 3.99 -12.95
C VAL A 71 -8.43 4.19 -11.60
N GLN A 72 -9.10 3.15 -11.11
CA GLN A 72 -9.59 3.13 -9.74
C GLN A 72 -8.71 2.14 -8.97
N VAL A 73 -8.25 2.57 -7.80
CA VAL A 73 -7.33 1.80 -6.98
C VAL A 73 -7.98 1.42 -5.65
N LYS A 74 -7.90 0.15 -5.27
CA LYS A 74 -8.41 -0.26 -3.97
C LYS A 74 -7.33 -0.29 -2.90
N TRP A 75 -7.71 0.24 -1.73
CA TRP A 75 -6.84 0.23 -0.57
C TRP A 75 -7.25 -0.99 0.25
N PRO A 76 -6.37 -1.50 1.13
CA PRO A 76 -6.77 -2.78 1.76
C PRO A 76 -8.06 -2.76 2.57
N ASP A 77 -8.51 -1.59 3.03
CA ASP A 77 -9.77 -1.55 3.77
C ASP A 77 -10.99 -1.36 2.87
N GLY A 78 -10.78 -1.45 1.55
CA GLY A 78 -11.88 -1.42 0.61
C GLY A 78 -12.16 -0.04 0.05
N LYS A 79 -11.54 0.99 0.62
CA LYS A 79 -11.74 2.33 0.08
C LYS A 79 -11.17 2.39 -1.33
N LEU A 80 -11.89 3.09 -2.20
CA LEU A 80 -11.51 3.20 -3.60
C LEU A 80 -11.10 4.63 -3.92
N TYR A 81 -10.07 4.74 -4.74
CA TYR A 81 -9.48 6.02 -5.08
C TYR A 81 -9.26 6.18 -6.57
N GLY A 82 -9.52 7.37 -7.08
CA GLY A 82 -9.19 7.67 -8.47
C GLY A 82 -7.71 8.00 -8.57
N ALA A 83 -7.11 7.57 -9.67
CA ALA A 83 -5.70 7.82 -9.93
C ALA A 83 -5.46 7.78 -11.42
N LYS A 84 -4.22 8.03 -11.83
CA LYS A 84 -3.81 7.84 -13.20
C LYS A 84 -2.58 6.95 -13.19
N TYR A 85 -2.55 5.99 -14.11
CA TYR A 85 -1.43 5.06 -14.21
C TYR A 85 -0.28 5.65 -15.00
N PHE A 86 0.92 5.56 -14.45
CA PHE A 86 2.04 6.17 -15.14
C PHE A 86 3.26 5.29 -15.38
N GLY A 87 3.11 4.00 -15.15
CA GLY A 87 4.20 3.11 -15.50
C GLY A 87 4.41 2.06 -14.43
N SER A 88 5.46 1.26 -14.60
CA SER A 88 5.71 0.17 -13.67
C SER A 88 7.19 0.07 -13.35
N ASN A 89 7.50 -0.64 -12.28
CA ASN A 89 8.88 -0.94 -11.96
C ASN A 89 8.94 -2.35 -11.39
N ILE A 90 10.15 -2.88 -11.27
CA ILE A 90 10.32 -4.16 -10.61
C ILE A 90 11.07 -3.89 -9.30
N ALA A 91 10.51 -4.37 -8.20
CA ALA A 91 11.14 -4.24 -6.90
C ALA A 91 10.99 -5.55 -6.19
N HIS A 92 11.13 -5.55 -4.87
CA HIS A 92 11.12 -6.82 -4.16
C HIS A 92 9.96 -6.97 -3.19
N MET A 93 9.64 -8.22 -2.92
CA MET A 93 8.77 -8.55 -1.81
C MET A 93 9.55 -9.44 -0.86
N TYR A 94 9.21 -9.36 0.42
CA TYR A 94 9.94 -10.07 1.46
C TYR A 94 9.00 -11.02 2.15
N GLN A 95 9.25 -12.31 2.02
CA GLN A 95 8.42 -13.30 2.69
C GLN A 95 8.91 -13.37 4.13
N VAL A 96 8.01 -13.13 5.08
CA VAL A 96 8.42 -13.17 6.47
C VAL A 96 7.62 -14.17 7.28
N GLU A 97 8.25 -14.69 8.33
CA GLU A 97 7.63 -15.65 9.23
C GLU A 97 7.53 -15.13 10.65
N PHE A 98 6.34 -15.25 11.23
CA PHE A 98 6.08 -14.73 12.57
C PHE A 98 6.33 -15.80 13.62
N GLU A 99 6.26 -15.39 14.87
CA GLU A 99 6.59 -16.29 15.98
C GLU A 99 5.67 -17.50 16.06
N ASP A 100 4.41 -17.33 15.63
CA ASP A 100 3.47 -18.45 15.64
C ASP A 100 3.59 -19.35 14.41
N GLY A 101 4.57 -19.08 13.56
CA GLY A 101 4.78 -19.88 12.37
C GLY A 101 4.03 -19.42 11.13
N SER A 102 3.13 -18.45 11.28
CA SER A 102 2.41 -17.91 10.12
C SER A 102 3.35 -17.08 9.25
N GLN A 103 2.97 -16.88 7.99
CA GLN A 103 3.81 -16.10 7.08
C GLN A 103 2.99 -15.14 6.23
N ILE A 104 3.66 -14.12 5.71
CA ILE A 104 3.02 -13.17 4.81
C ILE A 104 4.11 -12.50 3.99
N ALA A 105 3.77 -12.06 2.79
CA ALA A 105 4.68 -11.30 1.96
C ALA A 105 4.50 -9.80 2.22
N MET A 106 5.62 -9.10 2.43
CA MET A 106 5.58 -7.68 2.80
C MET A 106 6.36 -6.84 1.82
N LYS A 107 5.87 -5.63 1.59
CA LYS A 107 6.57 -4.59 0.84
C LYS A 107 7.70 -4.00 1.67
N ARG A 108 8.72 -3.48 0.99
CA ARG A 108 9.87 -2.90 1.71
C ARG A 108 9.46 -1.77 2.69
N GLU A 109 8.46 -0.98 2.30
CA GLU A 109 8.05 0.15 3.12
C GLU A 109 7.53 -0.26 4.50
N ASP A 110 7.06 -1.50 4.61
CA ASP A 110 6.46 -1.99 5.85
C ASP A 110 7.46 -2.76 6.74
N ILE A 111 8.73 -2.77 6.35
CA ILE A 111 9.79 -3.49 7.08
C ILE A 111 10.78 -2.54 7.73
N TYR A 112 11.17 -2.86 8.97
CA TYR A 112 12.08 -2.06 9.78
C TYR A 112 13.16 -2.95 10.35
N THR A 113 14.40 -2.49 10.32
CA THR A 113 15.45 -3.25 10.97
C THR A 113 15.29 -3.09 12.48
N LEU A 114 16.00 -3.93 13.22
CA LEU A 114 15.91 -3.88 14.68
C LEU A 114 16.59 -2.64 15.24
N ASP A 115 17.32 -1.92 14.40
CA ASP A 115 18.00 -0.69 14.84
C ASP A 115 17.25 0.61 14.63
N GLU A 116 16.33 0.65 13.68
CA GLU A 116 15.67 1.93 13.43
C GLU A 116 14.44 2.20 14.28
N GLU A 117 14.14 3.47 14.46
CA GLU A 117 12.94 3.87 15.20
C GLU A 117 11.70 3.46 14.46
N LEU A 118 10.72 2.91 15.18
CA LEU A 118 9.45 2.60 14.56
C LEU A 118 8.60 3.89 14.50
N PRO A 119 7.82 4.05 13.42
CA PRO A 119 7.13 5.33 13.20
C PRO A 119 6.01 5.63 14.18
N LYS A 120 5.68 6.91 14.32
CA LYS A 120 4.51 7.32 15.08
CA LYS A 120 4.52 7.32 15.09
C LYS A 120 3.31 7.29 14.15
N ARG A 121 2.73 6.11 13.98
CA ARG A 121 1.64 5.93 13.03
C ARG A 121 0.58 5.09 13.68
N VAL A 122 0.72 4.87 14.97
CA VAL A 122 0.17 3.65 15.52
C VAL A 122 -1.26 3.68 16.01
S SO4 B . 13.00 -3.13 -2.65
O1 SO4 B . 12.90 -1.67 -2.63
O2 SO4 B . 13.75 -3.53 -1.45
O3 SO4 B . 11.67 -3.72 -2.61
O4 SO4 B . 13.68 -3.53 -3.88
#